data_4UIH
#
_entry.id   4UIH
#
_cell.length_a   1.000
_cell.length_b   1.000
_cell.length_c   1.000
_cell.angle_alpha   90.00
_cell.angle_beta   90.00
_cell.angle_gamma   90.00
#
_symmetry.space_group_name_H-M   'P 1'
#
loop_
_entity.id
_entity.type
_entity.pdbx_description
1 polymer 'DENGUE VIRUS SEROTYPE 2 STRAIN NEW GUINEA-C E PROTEIN ECTODOMAIN'
2 polymer 'ANTIGEN-BINDING FRAGMENT OF HUMAN ANTIBODY 2D22 -HEAVY CHAIN'
3 polymer 'ANTIGEN-BINDING FRAGMENT OF HUMAN ANTIBODY 2D22 -LIGHT CHAIN'
#
loop_
_entity_poly.entity_id
_entity_poly.type
_entity_poly.pdbx_seq_one_letter_code
_entity_poly.pdbx_strand_id
1 'polypeptide(L)'
;MRCIGISNRDFVEGVSGGSWVDIVLEHGSCVTTMAKNKPTLDFELIETEAKQPATLRKYCIEAKLTNTTTDSRCPTQGEP
SLNEEQDKRFVCKHSMVDRGWGNGCGLFGKGGIVTCAMFTCKKNMKGKVVQPENLEYTIVITPHSGEEHAVGNDTGKHGK
EIKITPQSSITEAELTGYGTVTMECSPRTGLDFNEMVLLQMENKAWLVHRQWFLDLPLPWLPGADTQGSNWIQKETLVTF
KNPHAKKQDVVVLGSQEGAMHTALTGATEIQMSSGNLLFTGHLKCRLRMDKLQLKGMSYSMCTGKFKVVKEIAETQHGTI
VIRVQYEGDGSPCKIPFEIMDLEKRHVLGRLITVNPIVTEKDSPVNIEAEPPFGDSYIIIGVEPGQLKLNWFKKGSSIGQ
MIETTMRGAKRMAILGDTAWDFGSLGGVFTSIGKALHQVFGAIYGAAFSGVSWIMKILIGVIITWIGMNSRSTSLSVSLV
LVGVVTLYLGVMVQA
;
A,B,C
2 'polypeptide(L)'
;EVQLVESGAEVKKPGSSVKVSCKASGGTFNNYAISWVRQAPGQGLEWMGGIIPIFGGANYAQKFQGRVTITADRSTSTVY
MELSGLRSEDTAVYYCARRPQSIFDWNFDLWGRGTLVTVSSAGTKGPS
;
D,F
3 'polypeptide(L)'
;QSVLTQPPSASGTPGQRVTISCSGSSSNVGSNYVYWYQQLPGTAPKLLIYRNNRRPSGVPDRFSGSKSGTSASLAISGLR
SEDEADYYCATWDDSLSGLVFGGGTKLTVLGQPKA
;
E,G
#
# COMPACT_ATOMS: atom_id res chain seq x y z
CA MET A 1 24.13 39.65 32.47
CA ARG A 2 24.38 36.13 31.13
CA CYS A 3 24.65 34.78 34.64
CA ILE A 4 23.31 35.47 38.04
CA GLY A 5 21.51 32.18 38.67
CA ILE A 6 20.79 30.64 35.36
CA SER A 7 21.30 27.10 36.89
CA ASN A 8 24.29 24.84 36.49
CA ARG A 9 27.23 27.17 37.29
CA ASP A 10 30.61 25.81 38.41
CA PHE A 11 33.32 27.92 39.87
CA VAL A 12 36.81 26.83 38.81
CA GLU A 13 39.90 27.95 40.69
CA GLY A 14 43.22 27.55 38.82
CA VAL A 15 44.55 28.29 35.37
CA SER A 16 47.34 25.75 35.07
CA GLY A 17 50.66 26.60 33.43
CA GLY A 18 49.73 30.17 34.35
CA SER A 19 48.16 30.43 30.91
CA TRP A 20 45.32 28.01 30.06
CA VAL A 21 42.26 26.41 31.73
CA ASP A 22 40.49 23.13 30.88
CA ILE A 23 36.65 23.98 30.59
CA VAL A 24 33.73 22.00 28.99
CA LEU A 25 30.50 23.48 27.73
CA GLU A 26 27.49 21.12 27.18
CA HIS A 27 25.30 24.10 25.93
CA GLY A 28 23.04 25.99 28.24
CA SER A 29 25.53 25.21 30.93
CA CYS A 30 28.02 27.87 32.15
CA VAL A 31 31.48 27.93 33.55
CA THR A 32 32.50 30.59 35.93
CA THR A 33 36.41 30.76 36.16
CA MET A 34 39.24 32.64 37.72
CA ALA A 35 42.38 32.14 39.75
CA LYS A 36 42.39 35.25 41.99
CA ASN A 37 44.28 37.04 39.20
CA LYS A 38 42.87 38.34 36.02
CA PRO A 39 39.23 38.78 34.86
CA THR A 40 36.77 36.37 36.45
CA LEU A 41 34.70 35.34 33.50
CA ASP A 42 31.37 33.73 32.74
CA PHE A 43 31.54 31.48 29.65
CA GLU A 44 28.50 30.15 27.89
CA LEU A 45 27.45 28.43 24.67
CA ILE A 46 24.34 29.81 23.02
CA GLU A 47 23.08 28.66 19.68
CA THR A 48 24.78 26.38 17.22
CA GLU A 49 23.72 27.34 13.65
CA ALA A 50 23.69 24.11 11.75
CA LYS A 51 24.34 24.74 8.08
CA GLN A 52 23.98 22.51 5.09
CA PRO A 53 22.21 19.21 5.86
CA ALA A 54 22.00 16.41 3.32
CA THR A 55 19.20 13.66 2.96
CA LEU A 56 19.60 10.37 4.84
CA ARG A 57 17.13 7.42 4.92
CA LYS A 58 13.87 9.07 3.98
CA TYR A 59 10.63 7.77 5.56
CA CYS A 60 6.93 8.48 5.53
CA ILE A 61 4.43 8.78 8.37
CA GLU A 62 1.16 9.11 6.48
CA ALA A 63 1.10 6.14 4.12
CA LYS A 64 -2.12 5.50 2.09
CA LEU A 65 -3.25 2.85 -0.45
CA THR A 66 -5.37 3.44 -3.59
CA ASN A 67 -6.39 1.33 -6.64
CA THR A 68 -6.51 -1.86 -4.47
CA THR A 69 -6.70 -4.21 -7.36
CA THR A 70 -6.77 -7.94 -6.61
CA ASP A 71 -6.19 -11.09 -8.69
CA SER A 72 -6.39 -14.75 -7.94
CA ARG A 73 -5.76 -18.09 -9.32
CA CYS A 74 -7.95 -21.12 -8.94
CA PRO A 75 -6.83 -24.25 -6.92
CA THR A 76 -3.31 -25.48 -7.97
CA GLN A 77 -2.14 -23.99 -11.28
CA GLY A 78 0.56 -22.04 -9.72
CA GLU A 79 0.32 -18.61 -8.03
CA PRO A 80 -1.63 -15.55 -9.35
CA SER A 81 0.22 -13.50 -12.00
CA LEU A 82 -0.68 -9.85 -12.61
CA ASN A 83 1.29 -7.22 -14.45
CA GLU A 84 1.07 -4.61 -11.58
CA GLU A 85 3.32 -6.73 -9.38
CA GLN A 86 6.23 -5.28 -11.27
CA ASP A 87 6.31 -1.74 -9.89
CA LYS A 88 7.77 -1.28 -6.39
CA ARG A 89 5.02 1.21 -5.92
CA PHE A 90 2.51 -1.44 -4.90
CA VAL A 91 2.23 -3.40 -1.72
CA CYS A 92 1.79 -7.04 -2.83
CA LYS A 93 0.92 -10.26 -0.87
CA HIS A 94 0.13 -13.92 -1.61
CA SER A 95 -2.33 -15.56 0.65
CA MET A 96 -4.70 -18.54 0.26
CA VAL A 97 -8.43 -18.51 0.14
CA ASP A 98 -10.79 -21.43 -0.34
CA ARG A 99 -12.12 -21.64 -3.91
CA GLY A 100 -14.77 -24.04 -5.38
CA TRP A 101 -18.12 -23.36 -7.21
CA GLY A 102 -18.33 -20.06 -5.45
CA ASN A 103 -16.12 -18.85 -8.37
CA GLY A 104 -17.19 -21.70 -10.70
CA CYS A 105 -14.11 -23.88 -10.60
CA GLY A 106 -14.00 -27.77 -10.59
CA LEU A 107 -10.34 -27.77 -9.79
CA PHE A 108 -11.48 -27.56 -6.06
CA GLY A 109 -9.50 -26.91 -2.94
CA LYS A 110 -7.75 -23.80 -1.79
CA GLY A 111 -6.36 -21.40 -4.49
CA GLY A 112 -4.25 -18.33 -4.42
CA ILE A 113 -5.22 -14.74 -4.09
CA VAL A 114 -2.93 -11.76 -4.29
CA THR A 115 -3.37 -8.18 -3.47
CA CYS A 116 -1.75 -5.38 -5.31
CA ALA A 117 -2.43 -1.89 -3.96
CA MET A 118 -0.63 1.22 -5.36
CA PHE A 119 1.23 3.18 -2.61
CA THR A 120 1.24 6.91 -2.13
CA CYS A 121 2.09 9.00 0.90
CA LYS A 122 2.12 12.59 2.34
CA LYS A 123 4.40 14.03 5.04
CA ASN A 124 7.92 12.38 4.76
CA MET A 125 10.30 12.53 7.76
CA LYS A 126 13.69 12.79 6.03
CA GLY A 127 16.75 12.29 8.28
CA LYS A 128 19.92 14.18 7.67
CA VAL A 129 23.66 14.56 7.91
CA VAL A 130 24.79 17.98 8.64
CA GLN A 131 28.30 16.97 9.50
CA PRO A 132 30.48 18.41 12.34
CA GLU A 133 31.93 20.47 9.63
CA ASN A 134 28.84 22.72 9.80
CA LEU A 135 27.96 23.26 13.44
CA GLU A 136 29.27 26.92 13.74
CA TYR A 137 29.23 27.73 17.56
CA THR A 138 28.35 30.87 19.47
CA ILE A 139 30.23 31.39 22.72
CA VAL A 140 29.53 34.57 24.70
CA ILE A 141 31.85 35.57 27.48
CA THR A 142 31.51 38.44 30.01
CA PRO A 143 33.34 39.81 33.13
CA HIS A 144 31.53 40.03 36.54
CA SER A 145 32.56 43.61 37.05
CA GLY A 146 30.86 46.36 35.07
CA GLU A 147 27.98 46.39 32.53
CA GLU A 148 25.98 49.53 32.30
CA HIS A 149 25.89 50.11 28.48
CA ALA A 150 23.64 47.94 28.32
CA VAL A 151 22.60 45.50 25.67
CA GLY A 152 19.07 45.80 24.07
CA ASN A 153 20.51 48.20 21.54
CA ASP A 154 22.70 47.86 18.53
CA THR A 155 25.65 49.40 20.33
CA GLY A 156 25.81 46.69 23.02
CA LYS A 157 27.49 43.43 22.30
CA HIS A 158 28.75 42.38 25.89
CA GLY A 159 32.46 41.62 25.36
CA LYS A 160 31.75 40.39 21.80
CA GLU A 161 30.25 37.27 20.45
CA ILE A 162 32.99 35.04 19.17
CA LYS A 163 31.63 32.75 16.45
CA ILE A 164 33.97 29.69 16.75
CA THR A 165 33.91 27.79 13.53
CA PRO A 166 34.71 23.97 13.43
CA GLN A 167 37.01 24.74 10.50
CA SER A 168 39.60 26.12 12.94
CA SER A 169 40.82 25.54 16.50
CA ILE A 170 42.62 28.82 16.89
CA THR A 171 39.96 31.53 17.51
CA GLU A 172 40.66 34.94 18.78
CA ALA A 173 38.54 37.99 19.48
CA GLU A 174 38.73 40.81 22.05
CA LEU A 175 36.78 42.09 25.12
CA THR A 176 36.28 45.78 25.04
CA GLY A 177 38.77 47.78 27.06
CA TYR A 178 41.11 44.78 27.32
CA GLY A 179 42.89 42.79 24.65
CA THR A 180 42.51 39.50 22.92
CA VAL A 181 41.33 36.18 24.14
CA THR A 182 42.62 33.01 22.54
CA MET A 183 40.39 29.95 22.58
CA GLU A 184 41.24 26.38 21.40
CA CYS A 185 38.01 24.59 20.48
CA SER A 186 38.06 20.92 19.66
CA PRO A 187 34.45 20.57 18.40
CA ARG A 188 35.30 17.02 17.28
CA THR A 189 35.35 15.68 20.86
CA GLY A 190 31.68 16.83 20.86
CA LEU A 191 28.92 16.58 18.31
CA ASP A 192 29.62 14.20 15.42
CA PHE A 193 27.83 12.60 12.47
CA ASN A 194 28.59 9.02 12.38
CA GLU A 195 27.36 9.34 15.95
CA MET A 196 24.32 11.48 15.78
CA VAL A 197 21.46 12.05 13.28
CA LEU A 198 19.54 15.30 12.98
CA LEU A 199 15.98 14.14 11.98
CA GLN A 200 13.11 16.25 10.77
CA MET A 201 9.37 15.50 10.37
CA GLU A 202 7.71 18.92 10.09
CA ASN A 203 8.51 21.29 12.89
CA LYS A 204 9.07 18.46 15.31
CA ALA A 205 12.66 17.62 14.96
CA TRP A 206 15.20 15.85 17.10
CA LEU A 207 18.91 14.87 17.22
CA VAL A 208 18.46 11.04 17.35
CA HIS A 209 21.22 8.38 17.61
CA ARG A 210 22.69 6.61 14.50
CA GLN A 211 22.10 2.87 15.09
CA TRP A 212 18.57 3.73 16.38
CA PHE A 213 17.75 5.71 13.19
CA LEU A 214 19.14 3.04 10.85
CA ASP A 215 16.80 0.47 12.43
CA LEU A 216 13.34 1.95 12.41
CA PRO A 217 10.75 -0.09 10.73
CA LEU A 218 9.02 2.08 8.08
CA PRO A 219 9.19 2.06 4.25
CA TRP A 220 12.59 3.68 3.24
CA LEU A 221 13.82 5.76 0.42
CA PRO A 222 17.25 7.15 0.28
CA GLY A 223 16.06 10.81 0.07
CA ALA A 224 17.61 11.09 -3.37
CA ASP A 225 13.96 11.58 -4.58
CA THR A 226 14.06 8.65 -7.14
CA GLN A 227 11.40 10.48 -9.16
CA GLY A 228 8.91 10.27 -6.21
CA SER A 229 7.60 7.20 -4.45
CA ASN A 230 9.68 4.05 -5.09
CA TRP A 231 9.96 2.88 -1.38
CA ILE A 232 11.75 -0.31 -0.03
CA GLN A 233 9.78 -2.93 1.72
CA LYS A 234 6.64 -0.72 1.91
CA GLU A 235 4.80 -3.81 2.98
CA THR A 236 5.54 -2.92 6.67
CA LEU A 237 2.59 -0.44 7.05
CA VAL A 238 0.08 -2.50 5.20
CA THR A 239 -1.81 -5.24 7.02
CA PHE A 240 -3.79 -7.93 5.23
CA LYS A 241 -7.32 -7.93 6.65
CA ASN A 242 -8.65 -11.29 5.70
CA PRO A 243 -12.42 -11.68 6.09
CA HIS A 244 -12.33 -15.47 6.19
CA ALA A 245 -12.88 -18.12 3.44
CA LYS A 246 -13.15 -15.34 0.78
CA LYS A 247 -11.44 -12.04 0.00
CA GLN A 248 -8.27 -10.33 1.22
CA ASP A 249 -8.44 -6.61 1.80
CA VAL A 250 -5.77 -3.92 2.89
CA VAL A 251 -5.15 -1.74 5.99
CA VAL A 252 -3.05 1.43 5.68
CA LEU A 253 -2.44 1.43 9.41
CA GLY A 254 -3.28 5.16 9.60
CA SER A 255 -0.40 7.49 10.56
CA GLN A 256 2.25 6.40 13.04
CA GLU A 257 2.76 9.94 14.41
CA GLY A 258 2.48 9.86 18.26
CA ALA A 259 3.78 6.17 18.42
CA MET A 260 7.12 7.29 16.78
CA HIS A 261 7.18 10.55 18.73
CA THR A 262 6.81 9.24 22.21
CA ALA A 263 9.17 6.28 21.26
CA LEU A 264 12.11 8.76 21.25
CA THR A 265 12.03 10.28 24.79
CA GLY A 266 15.91 10.30 25.06
CA ALA A 267 16.06 12.70 22.02
CA THR A 268 16.91 16.29 22.57
CA GLU A 269 14.61 18.69 20.56
CA ILE A 270 15.46 21.49 18.32
CA GLN A 271 14.05 24.43 16.69
CA MET A 272 13.73 24.08 12.94
CA SER A 273 10.99 25.58 10.88
CA SER A 274 13.11 27.90 8.67
CA GLY A 275 16.38 26.21 9.67
CA ASN A 276 17.91 24.02 12.51
CA LEU A 277 19.77 25.76 15.46
CA LEU A 278 21.10 22.80 17.37
CA PHE A 279 21.09 22.67 21.22
CA THR A 280 22.86 20.33 23.52
CA GLY A 281 26.60 19.72 23.12
CA HIS A 282 29.68 18.53 24.91
CA LEU A 283 32.40 20.74 23.58
CA LYS A 284 35.88 20.52 25.16
CA CYS A 285 38.00 23.70 24.98
CA ARG A 286 41.22 25.29 26.54
CA LEU A 287 40.64 28.92 27.30
CA ARG A 288 43.87 31.05 27.30
CA MET A 289 43.75 34.34 29.10
CA ASP A 290 46.45 36.55 27.77
CA LYS A 291 46.06 40.29 27.49
CA LEU A 292 43.18 40.19 29.99
CA GLN A 293 44.42 42.63 32.53
CA LEU A 294 42.62 43.40 35.76
CA LYS A 295 42.24 46.96 34.84
CA GLY A 296 42.32 48.03 38.51
CA MET A 297 45.47 50.04 37.95
CA SER A 298 45.64 53.79 37.25
CA TYR A 299 42.18 54.35 38.70
CA SER A 300 42.98 55.01 42.36
CA MET A 301 40.01 54.45 44.63
CA CYS A 302 39.14 57.84 46.21
CA THR A 303 36.93 58.87 49.09
CA GLY A 304 33.97 56.72 50.13
CA LYS A 305 30.27 57.24 49.67
CA PHE A 306 28.52 54.75 47.33
CA LYS A 307 24.72 54.86 47.53
CA VAL A 308 22.75 51.58 47.89
CA VAL A 309 20.78 50.61 44.81
CA LYS A 310 18.55 47.49 44.76
CA GLU A 311 19.20 44.49 47.14
CA ILE A 312 21.80 41.64 47.43
CA ALA A 313 21.19 38.30 45.71
CA GLU A 314 21.02 34.66 46.68
CA THR A 315 19.62 32.77 43.59
CA GLN A 316 22.32 30.19 43.54
CA HIS A 317 25.37 29.37 45.80
CA GLY A 318 24.69 32.34 48.01
CA THR A 319 26.52 34.72 45.69
CA ILE A 320 25.55 38.30 46.17
CA VAL A 321 25.51 40.98 43.54
CA ILE A 322 25.10 44.64 44.50
CA ARG A 323 24.57 47.81 42.50
CA VAL A 324 26.06 50.92 44.16
CA GLN A 325 25.63 54.40 42.80
CA TYR A 326 29.08 55.93 43.22
CA GLU A 327 29.38 59.68 44.13
CA GLY A 328 32.40 59.37 46.42
CA ASP A 329 34.63 61.20 43.95
CA GLY A 330 34.59 62.43 40.31
CA SER A 331 35.76 60.45 37.30
CA PRO A 332 35.76 56.50 37.05
CA CYS A 333 37.75 55.20 39.94
CA LYS A 334 37.65 51.98 41.84
CA ILE A 335 35.34 50.18 44.26
CA PRO A 336 36.85 49.43 47.70
CA PHE A 337 34.71 46.46 48.65
CA GLU A 338 35.57 44.54 51.77
CA ILE A 339 33.88 41.98 54.03
CA MET A 340 34.95 39.77 56.91
CA ASP A 341 33.12 38.06 59.86
CA LEU A 342 30.68 40.09 61.96
CA GLU A 343 32.90 42.81 63.54
CA LYS A 344 36.01 40.73 63.81
CA ARG A 345 38.43 42.33 61.46
CA HIS A 346 41.06 39.86 60.24
CA VAL A 347 39.84 39.71 56.56
CA LEU A 348 37.97 36.40 56.78
CA GLY A 349 35.61 37.20 53.90
CA ARG A 350 36.10 36.68 50.21
CA LEU A 351 34.87 37.99 46.88
CA ILE A 352 34.13 35.95 43.71
CA THR A 353 34.97 38.96 41.78
CA VAL A 354 38.75 39.20 41.77
CA ASN A 355 38.95 42.89 40.65
CA PRO A 356 36.24 45.45 41.74
CA ILE A 357 36.22 48.66 39.74
CA VAL A 358 34.11 51.66 38.76
CA THR A 359 33.59 51.61 34.90
CA GLU A 360 31.97 55.01 34.80
CA LYS A 361 31.32 57.68 37.47
CA ASP A 362 27.60 58.54 36.90
CA SER A 363 26.21 54.98 36.77
CA PRO A 364 25.80 52.07 39.33
CA VAL A 365 28.21 49.42 38.42
CA ASN A 366 28.04 45.93 39.93
CA ILE A 367 30.26 43.11 41.20
CA GLU A 368 29.37 39.78 42.72
CA ALA A 369 30.98 38.54 45.89
CA GLU A 370 30.51 35.19 47.80
CA PRO A 371 30.62 35.71 51.58
CA PRO A 372 30.95 33.04 54.41
CA PHE A 373 27.86 31.56 56.16
CA GLY A 374 26.36 33.33 59.16
CA ASP A 375 26.44 37.02 60.09
CA SER A 376 28.89 39.27 58.21
CA TYR A 377 29.62 43.01 58.05
CA ILE A 378 29.82 44.18 54.52
CA ILE A 379 31.38 47.52 53.76
CA ILE A 380 31.96 49.77 50.77
CA GLY A 381 33.84 52.95 50.92
CA VAL A 382 36.40 54.20 53.50
CA GLU A 383 37.43 51.28 55.72
CA PRO A 384 35.59 52.31 58.94
CA GLY A 385 32.20 52.23 56.93
CA GLN A 386 30.59 55.06 55.13
CA LEU A 387 27.94 52.47 54.15
CA LYS A 388 28.06 49.24 56.08
CA LEU A 389 25.58 46.33 56.00
CA ASN A 390 24.95 43.54 58.40
CA TRP A 391 23.71 40.42 56.64
CA PHE A 392 23.09 36.81 57.62
CA LYS A 393 23.74 33.95 55.25
CA LYS A 394 23.46 30.13 55.58
CA GLY A 395 24.28 26.94 53.79
CA MET B 1 3.12 -52.01 -51.26
CA ARG B 2 4.39 -49.02 -49.23
CA CYS B 3 7.52 -50.95 -48.18
CA ILE B 4 9.45 -49.80 -51.35
CA GLY B 5 10.50 -46.12 -51.58
CA ILE B 6 10.40 -46.03 -47.73
CA SER B 7 13.61 -48.17 -47.65
CA ASN B 8 14.57 -50.65 -44.96
CA ARG B 9 12.35 -52.60 -42.59
CA ASP B 10 12.46 -55.02 -39.70
CA PHE B 11 10.94 -58.43 -39.91
CA VAL B 12 9.40 -60.66 -37.20
CA GLU B 13 9.08 -64.13 -38.40
CA GLY B 14 6.52 -66.45 -36.78
CA VAL B 15 4.28 -66.66 -33.69
CA SER B 16 5.64 -64.66 -30.84
CA GLY B 17 3.98 -64.16 -27.50
CA GLY B 18 1.14 -66.42 -28.75
CA SER B 19 0.46 -64.07 -31.73
CA TRP B 20 0.80 -61.27 -29.16
CA VAL B 21 3.90 -59.35 -30.32
CA ASP B 22 5.00 -55.95 -29.04
CA ILE B 23 6.10 -53.79 -31.99
CA VAL B 24 7.47 -50.30 -31.72
CA LEU B 25 6.93 -48.39 -35.06
CA GLU B 26 8.51 -45.05 -35.83
CA HIS B 27 7.82 -42.58 -38.64
CA GLY B 28 11.02 -43.23 -40.29
CA SER B 29 10.68 -46.86 -40.98
CA CYS B 30 7.96 -49.36 -41.35
CA VAL B 31 7.89 -52.63 -39.34
CA THR B 32 6.94 -55.82 -41.20
CA THR B 33 5.72 -58.68 -39.06
CA MET B 34 3.80 -61.83 -39.72
CA ALA B 35 3.13 -65.14 -37.99
CA LYS B 36 2.79 -68.60 -39.60
CA ASN B 37 -0.65 -68.23 -41.19
CA LYS B 38 -1.12 -64.52 -40.65
CA PRO B 39 -0.07 -62.08 -43.57
CA THR B 40 2.46 -59.16 -43.58
CA LEU B 41 1.51 -55.83 -42.03
CA ASP B 42 3.20 -52.42 -42.58
CA PHE B 43 3.23 -50.42 -39.37
CA GLU B 44 3.81 -46.73 -40.11
CA LEU B 45 3.21 -43.77 -37.88
CA ILE B 46 3.03 -40.52 -39.78
CA GLU B 47 1.51 -37.99 -37.35
CA THR B 48 1.19 -37.29 -33.62
CA GLU B 49 -1.41 -34.68 -34.26
CA ALA B 50 -2.30 -32.34 -31.59
CA LYS B 51 -5.66 -30.62 -30.97
CA GLN B 52 -4.90 -28.23 -28.09
CA PRO B 53 -1.38 -27.28 -27.60
CA ALA B 54 -1.51 -24.18 -25.39
CA THR B 55 1.14 -21.45 -25.09
CA LEU B 56 3.34 -21.74 -22.02
CA ARG B 57 6.11 -19.11 -22.77
CA LYS B 58 7.10 -16.27 -25.04
CA TYR B 59 10.58 -14.80 -25.86
CA CYS B 60 11.71 -11.69 -27.71
CA ILE B 61 14.06 -11.77 -30.80
CA GLU B 62 14.54 -8.07 -31.48
CA ALA B 63 13.04 -5.30 -29.50
CA LYS B 64 13.07 -1.54 -30.05
CA LEU B 65 14.12 1.08 -27.38
CA THR B 66 12.13 4.38 -27.18
CA ASN B 67 12.10 7.45 -24.92
CA THR B 68 15.31 6.98 -22.99
CA THR B 69 15.44 9.01 -19.68
CA THR B 70 18.59 9.38 -17.48
CA ASP B 71 18.83 10.68 -13.92
CA SER B 72 22.00 11.48 -11.90
CA ARG B 73 22.93 12.78 -8.45
CA CYS B 74 25.88 14.88 -7.08
CA PRO B 75 28.82 12.94 -5.73
CA THR B 76 28.24 11.22 -2.35
CA GLN B 77 25.09 12.70 -1.02
CA GLY B 78 22.68 10.04 -2.35
CA GLU B 79 22.15 7.09 -4.64
CA PRO B 80 20.45 7.82 -8.06
CA SER B 81 16.88 6.84 -8.74
CA LEU B 82 14.22 7.77 -11.31
CA ASN B 83 10.64 6.82 -10.63
CA GLU B 84 10.15 5.10 -13.97
CA GLU B 85 12.73 2.47 -12.81
CA GLN B 86 10.00 0.54 -10.97
CA ASP B 87 7.85 0.15 -14.02
CA LYS B 88 8.09 -3.34 -15.40
CA ARG B 89 9.13 -2.97 -18.92
CA PHE B 90 12.19 -0.78 -18.35
CA VAL B 91 15.81 -1.65 -18.66
CA CYS B 92 18.26 0.14 -16.39
CA LYS B 93 21.84 0.29 -15.02
CA HIS B 94 23.38 2.23 -12.17
CA SER B 95 26.73 3.44 -13.39
CA MET B 96 29.23 6.02 -11.97
CA VAL B 97 30.99 8.73 -13.86
CA ASP B 98 32.67 11.89 -12.80
CA ARG B 99 29.77 14.17 -11.94
CA GLY B 100 31.38 16.98 -9.91
CA TRP B 101 31.01 20.74 -10.41
CA GLY B 102 33.21 20.74 -13.49
CA ASN B 103 30.86 18.62 -15.70
CA GLY B 104 28.45 21.35 -14.74
CA CYS B 105 27.19 20.97 -11.22
CA GLY B 106 27.81 18.49 -8.49
CA LEU B 107 29.79 18.71 -5.35
CA PHE B 108 33.20 17.58 -6.82
CA GLY B 109 33.73 13.89 -7.03
CA LYS B 110 32.39 10.82 -8.81
CA GLY B 111 28.82 9.78 -8.65
CA GLY B 112 25.27 8.62 -9.38
CA ILE B 113 23.98 8.33 -12.92
CA VAL B 114 21.39 5.80 -13.96
CA THR B 115 19.47 5.40 -17.31
CA CYS B 116 16.48 3.46 -18.37
CA ALA B 117 14.66 2.94 -21.69
CA MET B 118 11.35 1.39 -22.79
CA PHE B 119 11.84 -2.21 -23.88
CA THR B 120 9.12 -2.73 -26.41
CA CYS B 121 8.93 -6.05 -28.35
CA LYS B 122 9.19 -6.18 -32.15
CA LYS B 123 9.81 -9.75 -33.32
CA ASN B 124 9.12 -12.72 -30.98
CA MET B 125 9.05 -16.39 -30.33
CA LYS B 126 6.45 -18.52 -28.55
CA GLY B 127 7.07 -21.55 -26.22
CA LYS B 128 4.03 -23.70 -26.74
CA VAL B 129 3.57 -27.25 -25.11
CA VAL B 130 1.37 -30.17 -25.71
CA GLN B 131 -1.13 -31.81 -23.26
CA PRO B 132 -1.77 -35.51 -23.00
CA GLU B 133 -5.43 -36.20 -23.69
CA ASN B 134 -4.99 -34.08 -26.79
CA LEU B 135 -2.24 -35.87 -29.02
CA GLU B 136 -3.59 -38.59 -31.26
CA TYR B 137 -1.00 -40.86 -32.87
CA THR B 138 -1.96 -41.94 -36.37
CA ILE B 139 -1.04 -45.40 -36.98
CA VAL B 140 -1.76 -46.14 -40.61
CA ILE B 141 -1.65 -49.95 -41.19
CA THR B 142 -1.93 -51.71 -44.57
CA PRO B 143 -1.67 -55.36 -45.72
CA HIS B 144 0.95 -56.31 -48.23
CA SER B 145 0.05 -59.82 -49.41
CA GLY B 146 -0.26 -58.95 -53.14
CA GLU B 147 -2.52 -56.13 -54.33
CA GLU B 148 -3.07 -53.78 -57.28
CA HIS B 149 -5.25 -51.14 -55.66
CA ALA B 150 -2.59 -50.36 -54.42
CA VAL B 151 -1.42 -47.46 -52.47
CA GLY B 152 -2.58 -43.91 -53.05
CA ASN B 153 -6.36 -44.13 -53.49
CA ASP B 154 -9.33 -41.69 -52.82
CA THR B 155 -11.69 -44.26 -54.44
CA GLY B 156 -10.75 -46.87 -51.90
CA LYS B 157 -8.68 -46.16 -48.81
CA HIS B 158 -6.14 -49.07 -49.13
CA GLY B 159 -5.99 -50.71 -45.73
CA LYS B 160 -6.94 -47.58 -43.77
CA GLU B 161 -6.12 -45.47 -40.52
CA ILE B 162 -7.13 -45.72 -36.91
CA LYS B 163 -6.27 -43.25 -34.14
CA ILE B 164 -5.24 -43.90 -30.62
CA THR B 165 -4.93 -41.25 -27.86
CA PRO B 166 -3.57 -41.90 -24.26
CA GLN B 167 -7.03 -41.51 -22.82
CA SER B 168 -8.33 -44.26 -25.00
CA SER B 169 -6.30 -46.96 -26.67
CA ILE B 170 -6.69 -50.49 -27.70
CA THR B 171 -8.36 -50.48 -31.12
CA GLU B 172 -9.11 -52.48 -34.25
CA ALA B 173 -8.42 -51.90 -37.94
CA GLU B 174 -10.85 -53.18 -40.65
CA LEU B 175 -8.81 -55.30 -42.95
CA THR B 176 -11.23 -56.14 -45.79
CA GLY B 177 -11.62 -59.84 -46.28
CA TYR B 178 -8.76 -60.67 -43.88
CA GLY B 179 -10.12 -60.00 -40.38
CA THR B 180 -9.95 -57.46 -37.64
CA VAL B 181 -6.48 -56.96 -36.34
CA THR B 182 -6.53 -55.87 -32.68
CA MET B 183 -3.82 -53.55 -31.67
CA GLU B 184 -3.37 -53.08 -27.98
CA CYS B 185 -1.65 -49.62 -28.14
CA SER B 186 -0.24 -47.69 -25.19
CA PRO B 187 0.32 -44.10 -26.41
CA ARG B 188 0.88 -42.92 -22.77
CA THR B 189 4.43 -43.93 -22.09
CA GLY B 190 5.65 -43.99 -25.63
CA LEU B 191 7.74 -40.77 -25.50
CA ASP B 192 6.40 -39.17 -22.23
CA PHE B 193 4.71 -35.78 -22.86
CA ASN B 194 4.18 -32.58 -21.01
CA GLU B 195 7.95 -32.81 -20.93
CA MET B 196 8.44 -31.36 -24.38
CA VAL B 197 8.26 -27.78 -25.19
CA LEU B 198 7.55 -26.59 -28.63
CA LEU B 199 9.78 -23.59 -29.07
CA GLN B 200 8.45 -21.72 -32.13
CA MET B 201 10.45 -19.39 -34.37
CA GLU B 202 6.91 -19.02 -35.85
CA ASN B 203 7.94 -20.78 -39.07
CA LYS B 204 9.47 -23.83 -37.40
CA ALA B 205 9.58 -25.41 -33.98
CA TRP B 206 11.44 -27.99 -31.96
CA LEU B 207 10.28 -30.26 -29.03
CA VAL B 208 12.84 -29.61 -26.28
CA HIS B 209 13.07 -31.05 -22.74
CA ARG B 210 11.97 -28.56 -19.91
CA GLN B 211 15.34 -28.87 -17.91
CA TRP B 212 17.22 -26.95 -20.59
CA PHE B 213 14.39 -25.11 -22.28
CA LEU B 214 13.50 -23.07 -19.08
CA ASP B 215 17.09 -21.69 -18.29
CA LEU B 216 17.74 -19.70 -21.40
CA PRO B 217 19.14 -16.12 -21.73
CA LEU B 218 16.25 -14.89 -23.99
CA PRO B 219 14.13 -12.01 -22.42
CA TRP B 220 11.62 -13.83 -20.22
CA LEU B 221 7.88 -13.48 -20.35
CA PRO B 222 5.53 -15.43 -18.06
CA GLY B 223 3.68 -16.96 -20.99
CA ALA B 224 0.29 -15.59 -20.02
CA ASP B 225 0.59 -11.80 -20.49
CA THR B 226 -1.51 -11.48 -23.63
CA GLN B 227 -0.50 -8.02 -24.37
CA GLY B 228 1.18 -5.80 -22.00
CA SER B 229 4.87 -6.25 -23.16
CA ASN B 230 5.87 -6.69 -19.48
CA TRP B 231 8.98 -8.48 -19.91
CA ILE B 232 10.57 -9.91 -16.67
CA GLN B 233 14.03 -10.08 -18.15
CA LYS B 234 14.80 -7.39 -20.42
CA GLU B 235 18.38 -6.54 -19.56
CA THR B 236 19.53 -9.41 -21.71
CA LEU B 237 19.00 -7.75 -25.08
CA VAL B 238 20.54 -4.32 -24.42
CA THR B 239 24.11 -3.00 -24.36
CA PHE B 240 24.96 -0.38 -21.69
CA LYS B 241 27.61 2.05 -23.01
CA ASN B 242 29.61 4.50 -21.07
CA PRO B 243 32.35 5.54 -23.55
CA HIS B 244 35.33 7.15 -21.94
CA ALA B 245 34.76 8.77 -18.47
CA LYS B 246 31.18 10.09 -19.00
CA LYS B 247 27.77 9.96 -20.71
CA GLN B 248 26.00 6.70 -20.31
CA ASP B 249 22.97 5.29 -21.98
CA VAL B 250 21.20 2.12 -23.33
CA VAL B 251 22.00 0.62 -26.83
CA VAL B 252 20.30 -2.35 -28.64
CA LEU B 253 21.72 -5.81 -29.29
CA GLY B 254 19.73 -7.05 -32.28
CA SER B 255 18.03 -10.27 -33.41
CA GLN B 256 18.62 -13.52 -31.74
CA GLU B 257 17.13 -15.44 -34.70
CA GLY B 258 20.71 -16.69 -35.59
CA ALA B 259 22.05 -17.28 -31.96
CA MET B 260 18.92 -19.09 -30.85
CA HIS B 261 19.04 -21.59 -33.96
CA THR B 262 22.66 -22.26 -33.28
CA ALA B 263 21.94 -22.77 -29.53
CA LEU B 264 19.85 -25.92 -30.21
CA THR B 265 21.90 -27.91 -32.67
CA GLY B 266 20.66 -31.43 -33.25
CA ALA B 267 16.96 -31.04 -32.39
CA THR B 268 14.07 -32.57 -34.29
CA GLU B 269 11.52 -30.22 -35.75
CA ILE B 270 7.95 -30.17 -37.10
CA GLN B 271 6.72 -27.47 -39.41
CA MET B 272 4.64 -25.12 -37.35
CA SER B 273 2.26 -23.29 -39.67
CA SER B 274 0.23 -26.49 -40.21
CA GLY B 275 -1.44 -26.18 -36.69
CA ASN B 276 0.98 -28.83 -35.38
CA LEU B 277 1.20 -32.38 -36.94
CA LEU B 278 4.04 -33.25 -34.46
CA PHE B 279 6.32 -35.31 -36.71
CA THR B 280 8.66 -38.09 -35.64
CA GLY B 281 7.96 -40.26 -32.48
CA HIS B 282 7.43 -43.85 -31.78
CA LEU B 283 4.48 -45.92 -30.42
CA LYS B 284 5.11 -49.05 -28.54
CA CYS B 285 2.06 -51.39 -28.87
CA ARG B 286 1.06 -55.07 -28.21
CA LEU B 287 -0.53 -56.67 -31.13
CA ARG B 288 -2.97 -59.54 -31.09
CA MET B 289 -3.23 -60.93 -34.63
CA ASP B 290 -5.47 -63.86 -33.59
CA LYS B 291 -8.63 -62.53 -35.10
CA LEU B 292 -6.93 -61.77 -38.27
CA GLN B 293 -6.96 -64.54 -40.96
CA LEU B 294 -5.91 -64.61 -44.66
CA LYS B 295 -7.63 -63.17 -47.70
CA GLY B 296 -8.83 -66.65 -48.62
CA MET B 297 -7.40 -70.10 -49.65
CA SER B 298 -10.65 -72.07 -49.91
CA TYR B 299 -10.08 -71.57 -53.63
CA SER B 300 -8.38 -73.32 -56.50
CA MET B 301 -4.69 -73.37 -57.51
CA CYS B 302 -5.21 -72.61 -61.35
CA THR B 303 -3.40 -73.46 -64.55
CA GLY B 304 -0.93 -70.58 -64.26
CA LYS B 305 -0.08 -67.92 -66.86
CA PHE B 306 2.50 -65.56 -65.48
CA LYS B 307 3.95 -62.96 -67.83
CA VAL B 308 6.21 -60.70 -65.71
CA VAL B 309 6.60 -57.06 -66.84
CA LYS B 310 9.15 -55.52 -64.39
CA GLU B 311 12.64 -56.84 -63.16
CA ILE B 312 12.61 -58.87 -59.90
CA ALA B 313 13.95 -55.89 -57.79
CA GLU B 314 15.84 -55.57 -54.49
CA THR B 315 15.41 -52.68 -52.11
CA GLN B 316 17.46 -51.94 -49.08
CA HIS B 317 18.41 -55.44 -47.97
CA GLY B 318 16.31 -58.45 -48.76
CA THR B 319 12.86 -58.47 -50.48
CA ILE B 320 12.70 -59.14 -54.13
CA VAL B 321 9.48 -57.67 -55.68
CA ILE B 322 8.30 -58.93 -59.11
CA ARG B 323 5.19 -57.98 -61.02
CA VAL B 324 3.53 -60.87 -62.79
CA GLN B 325 0.43 -60.82 -64.91
CA TYR B 326 -2.09 -63.50 -64.60
CA GLU B 327 -4.53 -63.68 -67.43
CA GLY B 328 -5.13 -67.46 -67.11
CA ASP B 329 -8.50 -69.08 -67.77
CA GLY B 330 -8.33 -70.92 -64.43
CA SER B 331 -10.19 -67.94 -62.73
CA PRO B 332 -8.59 -65.38 -60.39
CA CYS B 333 -8.19 -67.46 -57.27
CA LYS B 334 -4.87 -68.49 -55.57
CA ILE B 335 -1.60 -67.87 -57.18
CA PRO B 336 1.20 -70.32 -56.28
CA PHE B 337 4.83 -69.35 -55.37
CA GLU B 338 7.93 -71.46 -54.53
CA ILE B 339 11.51 -70.18 -53.79
CA MET B 340 13.58 -73.29 -54.94
CA ASP B 341 17.22 -74.53 -55.36
CA LEU B 342 19.75 -74.58 -58.26
CA GLU B 343 17.19 -75.99 -60.62
CA LYS B 344 15.94 -78.97 -58.51
CA ARG B 345 13.05 -78.71 -56.11
CA HIS B 346 13.21 -77.73 -52.39
CA VAL B 347 12.12 -74.46 -50.71
CA LEU B 348 14.91 -72.53 -48.78
CA GLY B 349 13.71 -68.96 -48.66
CA ARG B 350 10.18 -67.71 -47.88
CA LEU B 351 7.40 -66.04 -49.72
CA ILE B 352 6.48 -62.74 -48.10
CA THR B 353 3.04 -62.66 -49.67
CA VAL B 354 2.07 -65.57 -47.40
CA ASN B 355 -0.01 -66.95 -50.28
CA PRO B 356 -0.64 -64.50 -53.17
CA ILE B 357 -4.12 -63.82 -54.41
CA VAL B 358 -5.53 -61.97 -57.35
CA THR B 359 -8.86 -60.04 -57.46
CA GLU B 360 -8.95 -59.32 -61.10
CA LYS B 361 -8.64 -61.79 -63.93
CA ASP B 362 -6.80 -59.69 -66.41
CA SER B 363 -4.79 -57.40 -64.18
CA PRO B 364 -1.17 -57.70 -62.94
CA VAL B 365 -0.33 -57.86 -59.25
CA ASN B 366 2.80 -57.17 -57.15
CA ILE B 367 4.33 -60.19 -55.33
CA GLU B 368 7.19 -60.06 -53.01
CA ALA B 369 9.26 -62.68 -51.42
CA GLU B 370 12.66 -62.89 -49.69
CA PRO B 371 15.76 -64.57 -51.12
CA PRO B 372 18.19 -66.63 -49.00
CA PHE B 373 21.86 -65.42 -48.70
CA GLY B 374 22.64 -67.74 -51.70
CA ASP B 375 21.21 -67.72 -55.17
CA SER B 376 17.57 -68.87 -55.70
CA TYR B 377 15.17 -69.76 -58.53
CA ILE B 378 11.73 -68.33 -58.43
CA ILE B 379 8.74 -69.90 -59.90
CA ILE B 380 5.07 -69.17 -59.45
CA GLY B 381 3.60 -71.18 -62.35
CA VAL B 382 2.22 -74.80 -62.73
CA GLU B 383 1.36 -76.89 -65.85
CA PRO B 384 4.50 -76.08 -68.20
CA GLY B 385 5.76 -74.23 -65.02
CA GLN B 386 5.20 -71.00 -66.95
CA LEU B 387 7.67 -68.28 -66.03
CA LYS B 388 10.83 -69.09 -64.02
CA LEU B 389 13.86 -66.89 -63.73
CA ASN B 390 17.13 -66.99 -61.84
CA TRP B 391 18.21 -64.46 -59.32
CA PHE B 392 21.44 -63.99 -57.33
CA LYS B 393 21.89 -62.31 -54.02
CA LYS B 394 25.33 -60.80 -54.42
CA GLY B 395 25.87 -60.15 -50.63
CA MET C 1 -25.42 -26.34 -2.47
CA ARG C 2 -23.69 -23.63 -0.40
CA CYS C 3 -21.40 -26.24 1.23
CA ILE C 4 -18.80 -25.94 -1.62
CA GLY C 5 -16.74 -22.69 -1.85
CA ILE C 6 -17.36 -22.24 1.92
CA SER C 7 -14.92 -25.16 2.63
CA ASN C 8 -15.10 -27.55 5.54
CA ARG C 9 -18.09 -28.62 7.61
CA ASP C 10 -19.07 -30.71 10.58
CA PHE C 11 -21.44 -33.59 10.27
CA VAL C 12 -23.91 -35.08 12.80
CA GLU C 13 -25.00 -38.43 11.73
CA GLY C 14 -28.32 -39.84 13.01
CA VAL C 15 -30.94 -39.15 15.70
CA SER C 16 -29.52 -37.35 18.63
CA GLY C 17 -31.42 -36.13 21.63
CA GLY C 18 -34.58 -37.64 20.05
CA SER C 19 -34.15 -35.47 16.90
CA TRP C 20 -33.41 -32.66 19.35
CA VAL C 21 -29.76 -31.73 18.63
CA ASP C 22 -27.95 -28.66 19.92
CA ILE C 23 -25.89 -27.14 17.09
CA VAL C 24 -23.64 -24.14 17.42
CA LEU C 25 -23.15 -22.46 13.96
CA GLU C 26 -20.60 -19.75 13.30
CA HIS C 27 -20.16 -17.44 10.30
CA GLY C 28 -17.07 -19.06 9.24
CA SER C 29 -18.30 -22.52 8.65
CA CYS C 30 -21.53 -24.22 7.96
CA VAL C 31 -22.80 -27.16 10.09
CA THR C 32 -24.32 -30.13 8.24
CA THR C 33 -26.59 -32.36 10.28
CA MET C 34 -29.19 -34.92 9.46
CA ALA C 35 -31.00 -37.76 11.21
CA LYS C 36 -32.05 -41.13 9.73
CA ASN C 37 -34.98 -40.00 7.57
CA LYS C 38 -34.47 -36.27 7.86
CA PRO C 39 -32.39 -34.47 5.05
CA THR C 40 -29.15 -32.35 5.31
CA LEU C 41 -29.36 -28.76 6.54
CA ASP C 42 -26.73 -25.99 6.12
CA PHE C 43 -26.60 -23.79 9.19
CA GLU C 44 -24.92 -20.47 8.40
CA LEU C 45 -24.99 -17.28 10.36
CA ILE C 46 -23.98 -14.27 8.30
CA GLU C 47 -25.07 -11.23 10.34
CA THR C 48 -25.71 -10.14 13.93
CA GLU C 49 -27.36 -7.00 12.75
CA ALA C 50 -27.94 -4.28 15.13
CA LYS C 51 -30.74 -1.68 15.13
CA GLN C 52 -29.77 0.67 17.98
CA PRO C 53 -26.24 0.67 18.98
CA ALA C 54 -25.80 3.89 21.00
CA THR C 55 -22.57 5.82 21.62
CA LEU C 56 -21.01 5.22 25.00
CA ARG C 57 -17.54 6.94 24.60
CA LYS C 58 -15.48 9.20 22.39
CA TYR C 59 -11.65 9.61 22.08
CA CYS C 60 -9.44 12.12 20.31
CA ILE C 61 -6.79 11.15 17.65
CA GLU C 62 -5.21 14.50 16.89
CA ALA C 63 -6.13 17.74 18.47
CA LYS C 64 -4.98 21.29 17.77
CA LEU C 65 -3.64 23.76 20.45
CA THR C 66 -4.64 27.48 20.17
CA ASN C 67 -4.15 30.63 22.25
CA THR C 68 -1.51 29.50 24.70
CA THR C 69 -1.29 31.69 27.88
CA THR C 70 1.48 31.39 30.56
CA ASP C 71 1.56 32.90 34.05
CA SER C 72 4.51 32.99 36.52
CA ARG C 73 5.24 34.30 40.00
CA CYS C 74 8.44 35.64 41.75
CA PRO C 75 10.50 33.10 43.65
CA THR C 76 8.97 31.92 46.96
CA GLN C 77 6.20 34.30 47.69
CA GLY C 78 3.36 32.27 46.10
CA GLU C 79 2.37 29.39 43.89
CA PRO C 80 1.45 30.24 40.22
CA SER C 81 -2.11 30.20 39.01
CA LEU C 82 -4.01 31.58 35.99
CA ASN C 83 -7.77 31.68 36.12
CA GLU C 84 -8.22 29.86 32.83
CA GLU C 85 -6.67 26.75 34.51
CA GLN C 86 -10.06 25.79 35.98
CA ASP C 87 -11.79 25.72 32.64
CA LYS C 88 -12.33 22.19 31.46
CA ARG C 89 -10.73 21.96 28.15
CA PHE C 90 -7.29 23.29 29.13
CA VAL C 91 -4.07 21.45 29.45
CA CYS C 92 -1.56 22.72 32.00
CA LYS C 93 1.69 22.03 33.92
CA HIS C 94 3.27 23.73 36.89
CA SER C 95 6.96 23.89 36.17
CA MET C 96 9.86 25.81 37.88
CA VAL C 97 12.55 27.77 36.18
CA ASP C 98 14.86 30.45 37.34
CA ARG C 99 12.63 33.48 37.62
CA GLY C 100 14.65 35.93 39.75
CA TRP C 101 15.42 39.59 39.03
CA GLY C 102 17.96 38.73 36.35
CA ASN C 103 15.45 37.14 33.89
CA GLY C 104 13.78 40.48 34.33
CA CYS C 105 11.98 40.77 37.59
CA GLY C 106 11.48 38.46 40.50
CA LEU C 107 12.98 38.42 43.91
CA PHE C 108 16.11 36.28 43.07
CA GLY C 109 15.61 32.60 43.12
CA LYS C 110 13.74 29.84 41.29
CA GLY C 111 10.03 29.82 40.90
CA GLY C 112 6.45 29.60 39.65
CA ILE C 113 5.66 29.36 35.97
CA VAL C 114 2.64 27.52 34.64
CA THR C 115 1.19 27.35 31.05
CA CYS C 116 -2.05 26.20 29.60
CA ALA C 117 -3.44 25.89 26.06
CA MET C 118 -6.85 25.21 24.50
CA PHE C 119 -7.23 21.52 23.67
CA THR C 120 -9.60 21.52 20.76
CA CYS C 121 -10.41 18.22 18.96
CA LYS C 122 -9.66 17.69 15.26
CA LYS C 123 -9.90 14.00 14.38
CA ASN C 124 -11.71 11.53 16.71
CA MET C 125 -12.91 8.09 17.49
CA LYS C 126 -16.21 6.90 18.93
CA GLY C 127 -16.82 4.04 21.46
CA LYS C 128 -20.23 2.75 20.56
CA VAL C 129 -21.88 -0.40 22.25
CA VAL C 130 -24.70 -2.66 21.44
CA GLN C 131 -27.88 -3.35 23.52
CA PRO C 132 -29.55 -6.70 23.84
CA GLU C 133 -33.13 -6.45 22.59
CA ASN C 134 -31.68 -4.80 19.51
CA LEU C 135 -29.24 -7.46 17.84
CA GLU C 136 -30.95 -9.90 15.54
CA TYR C 137 -28.90 -12.91 14.48
CA THR C 138 -29.60 -14.01 10.92
CA ILE C 139 -29.60 -17.63 10.63
CA VAL C 140 -29.98 -18.45 6.97
CA ILE C 141 -30.85 -22.19 6.58
CA THR C 142 -31.10 -24.12 3.29
CA PRO C 143 -31.72 -27.78 2.35
CA HIS C 144 -29.13 -29.62 0.35
CA SER C 145 -30.79 -32.84 -0.79
CA GLY C 146 -30.30 -32.26 -4.57
CA GLU C 147 -31.50 -29.05 -6.22
CA GLU C 148 -30.93 -26.92 -9.33
CA HIS C 149 -32.51 -23.66 -8.21
CA ALA C 150 -29.93 -23.50 -6.60
CA VAL C 151 -28.30 -20.87 -4.61
CA GLY C 152 -28.33 -17.20 -5.54
CA ASN C 153 -31.92 -16.43 -6.57
CA ASP C 154 -34.16 -13.24 -6.51
CA THR C 155 -36.88 -15.22 -8.38
CA GLY C 156 -37.07 -17.75 -5.60
CA LYS C 157 -35.36 -17.35 -2.25
CA HIS C 158 -33.70 -20.85 -2.02
CA GLY C 159 -34.52 -22.17 1.43
CA LYS C 160 -34.83 -18.74 3.07
CA GLU C 161 -33.93 -16.63 6.30
CA ILE C 162 -35.48 -16.30 9.71
CA LYS C 163 -34.38 -13.91 12.47
CA ILE C 164 -34.08 -14.50 16.14
CA THR C 165 -33.45 -11.79 18.79
CA PRO C 166 -32.86 -12.46 22.58
CA GLN C 167 -36.25 -11.02 23.42
CA SER C 168 -37.94 -13.51 21.18
CA SER C 169 -36.52 -16.79 19.99
CA ILE C 170 -37.72 -20.17 19.08
CA THR C 171 -38.80 -20.02 15.43
CA GLU C 172 -39.63 -22.01 12.33
CA ALA C 173 -38.28 -21.96 8.77
CA GLU C 174 -40.56 -22.78 5.76
CA LEU C 175 -38.88 -25.57 3.93
CA THR C 176 -40.99 -25.98 0.77
CA GLY C 177 -42.33 -29.47 0.39
CA TYR C 178 -40.19 -30.82 3.27
CA GLY C 179 -41.80 -29.49 6.45
CA THR C 180 -41.32 -26.85 9.07
CA VAL C 181 -38.08 -27.20 10.89
CA THR C 182 -38.35 -25.81 14.44
CA MET C 183 -35.28 -24.22 15.78
CA GLU C 184 -35.25 -23.56 19.47
CA CYS C 185 -32.63 -20.72 19.42
CA SER C 186 -31.17 -18.98 22.48
CA PRO C 187 -29.47 -15.81 21.22
CA ARG C 188 -29.13 -14.51 24.83
CA THR C 189 -26.14 -16.36 26.13
CA GLY C 190 -24.50 -17.07 22.84
CA LEU C 191 -21.64 -14.51 23.15
CA ASP C 192 -22.93 -12.33 26.09
CA PHE C 193 -23.50 -8.68 25.04
CA ASN C 194 -23.37 -5.30 26.63
CA GLU C 195 -19.88 -6.53 27.34
CA MET C 196 -18.50 -5.58 23.95
CA VAL C 197 -17.56 -2.16 22.97
CA LEU C 198 -17.41 -1.14 19.40
CA LEU C 199 -14.39 1.10 19.19
CA GLN C 200 -14.70 2.98 15.86
CA MET C 201 -11.82 4.49 13.89
CA GLU C 202 -14.86 5.65 11.84
CA ASN C 203 -13.93 3.42 8.91
CA LYS C 204 -13.55 0.22 10.94
CA ALA C 205 -14.39 -1.03 14.40
CA TRP C 206 -13.63 -3.83 16.81
CA LEU C 207 -15.79 -5.43 19.62
CA VAL C 208 -13.56 -5.25 22.71
CA HIS C 209 -14.25 -6.38 26.31
CA ARG C 210 -15.02 -3.45 28.80
CA GLN C 211 -12.20 -4.46 31.34
CA TRP C 212 -9.48 -3.36 28.92
CA PHE C 213 -11.42 -0.99 26.71
CA LEU C 214 -12.16 1.49 29.62
CA ASP C 215 -8.48 1.92 30.93
CA LEU C 216 -6.86 3.38 27.88
CA PRO C 217 -4.48 6.41 27.60
CA LEU C 218 -6.56 8.16 24.86
CA PRO C 219 -8.00 11.64 25.93
CA TRP C 220 -11.20 10.75 27.77
CA LEU C 221 -14.63 12.09 27.02
CA PRO C 222 -17.74 11.04 28.99
CA GLY C 223 -19.50 9.81 25.86
CA ALA C 224 -22.48 12.12 26.20
CA ASP C 225 -21.07 15.64 25.62
CA THR C 226 -22.52 16.23 22.16
CA GLN C 227 -20.50 19.21 21.44
CA GLY C 228 -18.63 21.09 23.95
CA SER C 229 -15.08 19.58 23.44
CA ASN C 230 -14.79 19.21 27.24
CA TRP C 231 -12.27 16.62 27.40
CA ILE C 232 -11.63 15.12 30.92
CA GLN C 233 -8.18 13.90 30.03
CA LYS C 234 -6.37 16.07 27.80
CA GLU C 235 -2.86 16.00 29.20
CA THR C 236 -2.25 12.74 27.39
CA LEU C 237 -1.80 14.19 23.90
CA VAL C 238 0.52 17.12 24.65
CA THR C 239 4.27 17.43 25.24
CA PHE C 240 5.42 19.95 27.88
CA LYS C 241 8.81 21.46 26.91
CA ASN C 242 11.10 23.45 29.03
CA PRO C 243 14.36 23.48 26.99
CA HIS C 244 17.39 24.38 28.98
CA ALA C 245 16.81 26.39 32.25
CA LYS C 246 13.85 28.57 31.08
CA LYS C 247 10.83 29.22 28.85
CA GLN C 248 8.18 26.58 29.10
CA ASP C 249 5.15 25.90 27.02
CA VAL C 250 2.78 23.22 25.54
CA VAL C 251 3.63 21.25 22.30
CA VAL C 252 1.45 18.70 20.36
CA LEU C 253 1.93 14.93 20.11
CA GLY C 254 0.12 14.02 16.90
CA SER C 255 -2.22 11.30 15.65
CA GLN C 256 -2.81 8.15 17.55
CA GLU C 257 -4.33 6.44 14.47
CA GLY C 258 -1.16 4.21 14.24
CA ALA C 259 -0.57 3.62 18.06
CA MET C 260 -4.20 2.81 18.73
CA HIS C 261 -4.35 0.10 15.80
CA THR C 262 -1.19 -1.44 17.09
CA ALA C 263 -2.55 -1.41 20.69
CA LEU C 264 -5.32 -3.93 19.82
CA THR C 265 -3.57 -6.61 17.81
CA GLY C 266 -5.64 -9.70 17.21
CA ALA C 267 -9.18 -8.27 17.42
CA THR C 268 -12.06 -9.13 15.15
CA GLU C 269 -13.63 -6.32 13.20
CA ILE C 270 -16.80 -5.43 11.28
CA GLN C 271 -16.89 -2.71 8.68
CA MET C 272 -18.50 0.29 10.26
CA SER C 273 -19.93 2.47 7.51
CA SER C 274 -22.66 -0.11 6.79
CA GLY C 275 -24.67 0.96 9.97
CA ASN C 276 -23.29 -2.13 11.78
CA LEU C 277 -23.86 -5.73 10.44
CA LEU C 278 -21.77 -7.10 13.39
CA PHE C 279 -19.84 -9.89 11.63
CA THR C 280 -18.55 -13.10 13.19
CA GLY C 281 -20.28 -14.70 16.29
CA HIS C 282 -21.87 -17.95 17.06
CA LEU C 283 -25.45 -19.02 18.01
CA LYS C 284 -25.99 -22.02 20.12
CA CYS C 285 -29.50 -23.48 19.39
CA ARG C 286 -31.56 -26.68 20.05
CA LEU C 287 -33.09 -28.06 16.98
CA ARG C 288 -36.23 -30.15 16.75
CA MET C 289 -36.34 -31.73 13.29
CA ASP C 290 -39.44 -33.85 14.08
CA LYS C 291 -41.85 -31.85 12.02
CA LEU C 292 -39.58 -31.85 9.13
CA GLN C 293 -39.99 -34.76 6.61
CA LEU C 294 -38.47 -35.43 3.14
CA LYS C 295 -39.28 -33.85 -0.21
CA GLY C 296 -41.24 -36.96 -1.16
CA MET C 297 -40.70 -40.73 -1.78
CA SER C 298 -44.30 -41.78 -2.47
CA TYR C 299 -43.07 -41.79 -6.07
CA SER C 300 -41.54 -44.17 -8.54
CA MET C 301 -37.90 -45.30 -8.93
CA CYS C 302 -37.63 -44.78 -12.84
CA THR C 303 -35.68 -46.36 -15.66
CA GLY C 304 -32.58 -44.22 -15.10
CA LYS C 305 -30.65 -42.13 -17.65
CA PHE C 306 -27.74 -40.43 -15.97
CA LYS C 307 -25.30 -38.54 -18.18
CA VAL C 308 -22.83 -36.78 -15.82
CA VAL C 309 -21.29 -33.50 -17.04
CA LYS C 310 -18.78 -32.50 -14.27
CA GLU C 311 -16.02 -34.58 -12.43
CA ILE C 312 -17.08 -36.24 -9.12
CA ALA C 313 -15.29 -33.56 -6.97
CA GLU C 314 -13.89 -33.46 -3.42
CA THR C 315 -13.83 -30.35 -1.28
CA GLN C 316 -12.11 -29.92 2.01
CA HIS C 317 -12.35 -33.44 3.43
CA GLY C 318 -15.06 -35.83 2.43
CA THR C 319 -18.10 -35.08 0.18
CA ILE C 320 -17.91 -36.01 -3.40
CA VAL C 321 -20.34 -33.87 -5.53
CA ILE C 322 -21.32 -35.06 -9.04
CA ARG C 323 -23.73 -33.49 -11.48
CA VAL C 324 -25.84 -35.98 -13.36
CA GLN C 325 -28.47 -35.28 -15.96
CA TYR C 326 -31.65 -37.15 -15.94
CA GLU C 327 -33.61 -36.92 -19.12
CA GLY C 328 -35.28 -40.35 -18.74
CA ASP C 329 -38.84 -41.06 -19.86
CA GLY C 330 -39.67 -42.57 -16.46
CA SER C 331 -40.86 -39.07 -15.22
CA PRO C 332 -38.95 -36.84 -12.78
CA CYS C 333 -39.61 -38.66 -9.53
CA LYS C 334 -37.00 -40.39 -7.27
CA ILE C 335 -33.47 -40.82 -8.36
CA PRO C 336 -31.63 -43.84 -6.90
CA PHE C 337 -28.05 -43.80 -5.46
CA GLU C 338 -25.81 -46.58 -4.01
CA ILE C 339 -22.17 -46.25 -2.77
CA MET C 340 -20.89 -49.88 -3.42
CA ASP C 341 -17.73 -52.08 -3.20
CA LEU C 342 -14.91 -53.06 -5.63
CA GLU C 343 -17.40 -53.95 -8.31
CA LYS C 344 -19.73 -56.29 -6.30
CA ARG C 345 -22.73 -55.04 -4.42
CA HIS C 346 -22.84 -53.82 -0.77
CA VAL C 347 -23.21 -50.25 0.56
CA LEU C 348 -20.32 -48.97 2.83
CA GLY C 349 -20.48 -45.22 2.59
CA ARG C 350 -23.59 -42.99 2.72
CA LEU C 351 -25.50 -40.81 0.38
CA ILE C 352 -25.68 -37.25 1.68
CA THR C 353 -28.71 -36.40 -0.42
CA VAL C 354 -30.76 -38.74 1.78
CA ASN C 355 -32.72 -39.75 -1.34
CA PRO C 356 -32.20 -37.49 -4.40
CA ILE C 357 -35.14 -36.01 -6.22
CA VAL C 358 -35.56 -34.12 -9.43
CA THR C 359 -38.15 -31.38 -10.18
CA GLU C 360 -37.51 -30.98 -13.80
CA LYS C 361 -37.48 -33.70 -16.43
CA ASP C 362 -34.81 -32.38 -18.67
CA SER C 363 -32.58 -30.54 -16.25
CA PRO C 364 -29.41 -31.68 -14.42
CA VAL C 365 -29.19 -31.74 -10.64
CA ASN C 366 -26.32 -31.73 -8.09
CA ILE C 367 -25.97 -34.89 -5.92
CA GLU C 368 -23.57 -35.32 -3.16
CA ALA C 369 -22.55 -38.23 -1.15
CA GLU C 370 -19.64 -39.19 1.12
CA PRO C 371 -16.94 -41.77 0.31
CA PRO C 372 -15.52 -44.20 2.89
CA PHE C 373 -11.73 -44.00 3.72
CA GLY C 374 -11.21 -46.71 1.00
CA ASP C 375 -12.07 -46.61 -2.66
CA SER C 376 -15.78 -46.79 -3.72
CA TYR C 377 -17.88 -47.25 -6.87
CA ILE C 378 -20.77 -44.94 -7.39
CA ILE C 379 -23.84 -45.77 -9.26
CA ILE C 380 -27.17 -44.06 -9.44
CA GLY C 381 -28.73 -45.84 -12.45
CA VAL C 382 -30.98 -48.98 -12.89
CA GLU C 383 -31.94 -51.03 -16.00
CA PRO C 384 -28.38 -51.31 -17.85
CA GLY C 385 -27.13 -49.59 -14.59
CA GLN C 386 -26.48 -46.51 -16.74
CA LEU C 387 -23.52 -44.49 -15.54
CA LYS C 388 -21.03 -45.93 -13.02
CA LEU C 389 -17.59 -44.60 -12.33
CA ASN C 390 -14.78 -45.40 -9.93
CA TRP C 391 -13.41 -43.05 -7.39
CA PHE C 392 -10.49 -43.27 -4.92
CA LYS C 393 -10.09 -41.50 -1.66
CA LYS C 394 -6.34 -41.01 -1.57
CA GLY C 395 -6.18 -40.19 2.23
CA GLN D 3 -26.56 0.14 -12.96
CA LEU D 4 -23.80 -0.75 -15.26
CA VAL D 5 -22.75 2.34 -17.10
CA GLU D 6 -20.05 2.10 -19.67
CA SER D 7 -18.11 4.80 -21.47
CA GLY D 8 -19.22 6.31 -24.85
CA ALA D 9 -17.91 5.63 -28.46
CA GLU D 10 -14.30 5.05 -28.76
CA VAL D 11 -12.08 5.63 -31.81
CA LYS D 12 -8.86 3.67 -31.81
CA LYS D 13 -5.99 3.12 -34.19
CA PRO D 14 -5.03 -0.44 -35.33
CA GLY D 15 -2.39 -1.94 -33.10
CA SER D 16 -3.04 -0.02 -30.06
CA SER D 17 -4.42 -0.80 -26.67
CA VAL D 18 -8.02 0.00 -25.83
CA LYS D 19 -9.16 -0.09 -22.20
CA VAL D 20 -12.83 -0.17 -21.70
CA SER D 21 -14.44 0.87 -18.53
CA CYS D 22 -17.66 -0.29 -17.00
CA LYS D 23 -18.54 1.60 -13.70
CA ALA D 24 -20.72 -0.76 -11.71
CA SER D 25 -23.30 0.80 -9.31
CA GLY D 26 -26.79 0.22 -8.06
CA GLY D 27 -25.83 -2.56 -5.70
CA THR D 28 -22.52 -4.07 -4.59
CA PHE D 29 -19.63 -4.71 -7.00
CA ASN D 30 -18.24 -7.63 -4.90
CA ASN D 31 -21.65 -9.23 -5.23
CA TYR D 32 -21.33 -8.90 -9.13
CA ALA D 33 -19.10 -10.89 -11.65
CA ILE D 34 -18.82 -9.85 -15.33
CA SER D 35 -18.21 -11.16 -18.88
CA TRP D 36 -17.30 -9.07 -21.80
CA VAL D 37 -19.07 -10.04 -25.05
CA ARG D 38 -18.33 -8.27 -28.24
CA GLN D 39 -20.35 -8.57 -31.41
CA ALA D 40 -19.10 -7.85 -34.99
CA PRO D 41 -21.69 -5.89 -37.07
CA GLY D 42 -24.14 -8.03 -38.90
CA GLN D 43 -23.14 -11.18 -36.92
CA GLY D 44 -23.90 -12.68 -33.55
CA LEU D 45 -22.72 -12.17 -30.01
CA GLU D 46 -19.12 -13.48 -29.24
CA TRP D 47 -17.94 -14.11 -25.63
CA MET D 48 -14.54 -12.68 -24.94
CA GLY D 49 -13.72 -13.52 -21.17
CA GLY D 50 -15.10 -13.38 -17.60
CA ILE D 51 -13.64 -11.84 -14.44
CA ILE D 52 -14.94 -12.50 -11.02
CA PRO D 53 -14.13 -9.07 -9.33
CA ILE D 54 -14.30 -10.09 -5.63
CA PHE D 55 -11.23 -12.37 -6.13
CA GLY D 56 -10.35 -10.80 -9.44
CA GLY D 57 -9.97 -14.28 -10.99
CA ALA D 58 -10.29 -14.39 -14.68
CA ASN D 59 -10.37 -16.79 -17.60
CA TYR D 60 -10.17 -15.90 -21.19
CA ALA D 61 -11.64 -17.21 -24.47
CA GLN D 62 -9.06 -19.36 -26.39
CA LYS D 63 -9.55 -17.12 -29.52
CA PHE D 64 -8.43 -13.94 -27.83
CA GLN D 65 -5.69 -15.51 -25.47
CA GLY D 66 -2.54 -13.63 -25.73
CA ARG D 67 -4.24 -10.33 -26.53
CA VAL D 68 -6.98 -9.79 -23.83
CA THR D 69 -6.44 -8.78 -20.25
CA ILE D 70 -9.50 -8.38 -17.91
CA THR D 71 -9.03 -6.54 -14.59
CA ALA D 72 -11.29 -5.08 -11.79
CA ASP D 73 -10.76 -2.19 -9.40
CA ARG D 74 -12.78 -2.35 -6.19
CA SER D 75 -12.07 0.96 -4.76
CA THR D 76 -13.69 2.83 -7.67
CA SER D 77 -16.16 -0.02 -8.42
CA THR D 78 -14.98 -0.53 -12.02
CA VAL D 79 -14.16 -3.58 -14.20
CA TYR D 80 -11.75 -3.08 -17.15
CA MET D 81 -11.32 -4.94 -20.48
CA GLU D 82 -7.99 -4.18 -22.15
CA LEU D 83 -7.64 -5.49 -25.61
CA SER D 84 -4.29 -4.87 -27.29
CA GLY D 85 -3.05 -5.80 -30.78
CA LEU D 86 -6.29 -4.66 -32.51
CA ARG D 87 -7.15 -5.50 -36.17
CA SER D 88 -10.29 -4.56 -38.12
CA GLU D 89 -12.27 -7.70 -37.30
CA ASP D 90 -12.30 -6.76 -33.68
CA THR D 91 -14.34 -3.55 -34.49
CA ALA D 92 -17.57 -4.05 -32.42
CA VAL D 93 -19.86 -3.09 -29.67
CA TYR D 94 -18.42 -4.62 -26.44
CA TYR D 95 -20.89 -5.22 -23.54
CA CYS D 96 -20.30 -5.73 -19.94
CA ALA D 97 -22.88 -8.12 -18.50
CA ARG D 98 -23.10 -9.42 -14.91
CA ARG D 99 -24.40 -12.89 -14.02
CA PRO D 100 -24.06 -14.27 -10.38
CA GLN D 101 -24.54 -13.32 -6.82
CA SER D 102 -23.38 -16.50 -5.24
CA ILE D 103 -22.37 -19.72 -6.99
CA PHE D 104 -21.64 -20.64 -10.71
CA ASP D 105 -23.90 -19.05 -13.32
CA TRP D 106 -23.49 -18.86 -17.14
CA ASN D 107 -26.47 -16.44 -17.30
CA PHE D 108 -26.33 -12.51 -17.72
CA ASP D 109 -29.17 -10.47 -16.33
CA LEU D 110 -27.69 -7.16 -15.30
CA TRP D 111 -26.57 -5.24 -18.38
CA GLY D 112 -24.31 -2.43 -19.47
CA ARG D 113 -25.33 -0.36 -22.49
CA GLY D 114 -22.51 -1.38 -25.00
CA THR D 115 -19.29 0.48 -25.88
CA LEU D 116 -18.78 0.86 -29.59
CA VAL D 117 -15.08 0.58 -30.15
CA THR D 118 -14.08 1.53 -33.68
CA VAL D 119 -10.77 0.13 -35.01
CA SER D 120 -9.35 2.05 -38.16
CA SER D 121 -8.58 5.71 -38.60
CA ALA D 122 -11.24 8.36 -38.90
CA SER E 2 -17.95 -22.14 -34.38
CA VAL E 3 -21.36 -20.92 -33.24
CA LEU E 4 -24.43 -23.22 -32.31
CA THR E 5 -26.88 -23.94 -35.06
CA GLN E 6 -29.65 -21.43 -35.67
CA PRO E 7 -30.64 -20.17 -39.12
CA PRO E 8 -29.51 -16.67 -39.79
CA SER E 9 -33.07 -15.48 -40.41
CA ALA E 10 -36.73 -16.62 -39.88
CA SER E 11 -40.16 -15.18 -40.58
CA GLY E 12 -43.78 -15.77 -39.57
CA THR E 13 -46.97 -13.81 -39.49
CA PRO E 14 -48.14 -11.77 -36.44
CA GLY E 15 -50.68 -13.71 -34.44
CA GLN E 16 -48.83 -17.07 -34.67
CA ARG E 17 -46.92 -19.12 -32.06
CA VAL E 18 -43.43 -19.51 -33.35
CA THR E 19 -40.52 -21.59 -32.00
CA ILE E 20 -36.90 -20.73 -32.73
CA SER E 21 -34.60 -23.77 -32.67
CA CYS E 22 -31.00 -24.20 -31.53
CA SER E 23 -29.28 -27.53 -32.15
CA GLY E 24 -25.94 -28.57 -30.80
CA SER E 25 -24.27 -31.72 -29.70
CA SER E 26 -24.27 -33.17 -26.36
CA SER E 27 -21.49 -30.92 -25.01
CA ASN E 28 -23.53 -27.78 -25.85
CA VAL E 29 -27.20 -28.26 -25.00
CA GLY E 30 -28.09 -31.22 -22.85
CA SER E 31 -24.92 -30.75 -21.01
CA ASN E 32 -25.20 -27.17 -19.69
CA TYR E 33 -27.87 -24.59 -18.77
CA VAL E 34 -29.44 -22.98 -21.88
CA TYR E 35 -30.14 -19.23 -22.02
CA TRP E 36 -32.06 -17.33 -24.63
CA TYR E 37 -31.27 -13.68 -25.20
CA GLN E 38 -33.34 -11.22 -27.22
CA GLN E 39 -31.36 -8.46 -28.67
CA LEU E 40 -33.26 -5.51 -30.35
CA PRO E 41 -30.93 -3.68 -32.67
CA GLY E 42 -28.55 -1.13 -30.95
CA THR E 43 -29.32 -2.15 -27.45
CA ALA E 44 -27.78 -4.49 -24.97
CA PRO E 45 -29.58 -8.00 -24.88
CA LYS E 46 -32.51 -8.84 -22.58
CA LEU E 47 -32.63 -12.24 -20.75
CA LEU E 48 -35.52 -14.49 -21.89
CA ILE E 49 -34.90 -17.91 -20.50
CA TYR E 50 -32.34 -19.12 -17.96
CA ARG E 51 -31.21 -22.51 -16.51
CA ASN E 52 -32.45 -24.58 -19.53
CA ASN E 53 -36.17 -23.74 -19.57
CA ARG E 54 -36.90 -21.97 -16.32
CA ARG E 55 -38.49 -18.50 -16.63
CA PRO E 56 -36.95 -15.43 -15.04
CA SER E 57 -38.54 -12.23 -13.70
CA GLY E 58 -39.52 -9.43 -16.13
CA VAL E 59 -40.35 -11.95 -18.87
CA PRO E 60 -44.06 -12.91 -19.47
CA ASP E 61 -45.40 -16.45 -19.83
CA ARG E 62 -45.61 -15.79 -23.55
CA PHE E 63 -41.98 -16.88 -23.61
CA SER E 64 -41.53 -20.38 -22.72
CA GLY E 65 -38.55 -22.73 -23.11
CA SER E 66 -38.40 -26.27 -24.32
CA LYS E 67 -35.48 -28.59 -23.88
CA SER E 68 -34.46 -31.71 -25.68
CA GLY E 69 -31.05 -33.21 -25.12
CA THR E 70 -29.66 -32.09 -28.43
CA SER E 71 -32.03 -29.27 -29.28
CA ALA E 72 -33.21 -26.26 -27.34
CA SER E 73 -35.98 -24.10 -28.31
CA LEU E 74 -37.72 -20.88 -27.44
CA ALA E 75 -41.44 -20.62 -27.99
CA ILE E 76 -43.19 -17.30 -28.19
CA SER E 77 -47.04 -17.76 -27.76
CA GLY E 78 -48.61 -14.86 -29.49
CA LEU E 79 -46.57 -12.74 -31.90
CA ARG E 80 -46.54 -8.98 -32.62
CA SER E 81 -44.33 -6.76 -34.63
CA GLU E 82 -42.51 -5.54 -31.56
CA ASP E 83 -41.00 -9.05 -31.13
CA GLU E 84 -38.99 -8.45 -34.34
CA ALA E 85 -35.57 -8.63 -32.99
CA ASP E 86 -32.45 -10.88 -33.11
CA TYR E 87 -32.76 -14.04 -31.01
CA TYR E 88 -29.68 -15.65 -29.65
CA CYS E 89 -29.29 -18.94 -27.78
CA ALA E 90 -26.38 -19.39 -25.34
CA THR E 91 -25.04 -22.39 -23.53
CA TRP E 92 -21.55 -23.05 -21.93
CA ASP E 93 -19.26 -25.29 -23.85
CA ASP E 94 -16.61 -27.53 -22.28
CA SER E 95 -14.73 -28.08 -25.50
CA LEU E 96 -14.65 -24.37 -26.50
CA SER E 97 -14.07 -23.62 -22.81
CA GLY E 98 -16.03 -20.47 -22.63
CA LEU E 99 -19.54 -19.33 -23.57
CA VAL E 100 -20.78 -20.08 -27.12
CA PHE E 101 -23.87 -18.37 -28.65
CA GLY E 102 -25.71 -19.00 -31.88
CA GLY E 103 -25.51 -17.14 -35.12
CA GLY E 104 -28.75 -15.49 -34.49
CA THR E 105 -32.12 -15.72 -35.99
CA LYS E 106 -33.34 -12.36 -37.09
CA LEU E 107 -37.08 -12.94 -36.54
CA THR E 108 -38.93 -10.75 -38.98
CA VAL E 109 -42.57 -10.50 -38.10
CA LEU E 110 -44.53 -9.37 -41.16
CA GLY E 111 -46.53 -6.19 -41.60
CA GLN E 112 -44.88 -4.63 -44.67
CA GLN F 3 8.91 46.95 15.24
CA LEU F 4 5.58 46.89 17.12
CA VAL F 5 2.45 47.36 14.97
CA GLU F 6 -0.93 48.05 16.42
CA SER F 7 -4.59 47.74 15.49
CA GLY F 8 -6.70 50.70 14.23
CA ALA F 9 -8.44 53.45 16.20
CA GLU F 10 -11.42 52.47 18.43
CA VAL F 11 -14.66 54.30 19.37
CA LYS F 12 -16.30 52.92 22.53
CA LYS F 13 -18.99 54.49 24.66
CA PRO F 14 -18.83 55.01 28.57
CA GLY F 15 -19.14 51.84 30.68
CA SER F 16 -17.93 49.45 28.12
CA SER F 17 -14.70 47.63 27.60
CA VAL F 18 -11.96 47.68 24.76
CA LYS F 19 -9.26 45.05 24.00
CA VAL F 20 -6.40 46.58 22.04
CA SER F 21 -4.00 44.45 20.18
CA CYS F 22 -0.32 44.95 19.49
CA LYS F 23 1.37 42.50 17.11
CA ALA F 24 5.02 42.42 18.11
CA SER F 25 7.60 41.54 15.55
CA GLY F 26 10.91 42.58 14.05
CA GLY F 27 13.21 41.51 16.76
CA THR F 28 14.04 38.41 18.88
CA PHE F 29 10.86 36.82 20.02
CA ASN F 30 12.19 35.49 23.30
CA ASN F 31 13.12 39.03 24.21
CA TYR F 32 9.64 40.44 23.67
CA ALA F 33 8.08 41.96 26.75
CA ILE F 34 5.57 44.94 26.72
CA SER F 35 4.28 47.70 28.90
CA TRP F 36 1.36 49.83 28.36
CA VAL F 37 1.54 53.49 28.64
CA ARG F 38 -1.46 55.79 27.89
CA GLN F 39 -1.41 59.59 27.10
CA ALA F 40 -4.62 61.65 27.56
CA PRO F 41 -4.65 65.14 26.05
CA GLY F 42 -3.58 67.69 28.70
CA GLN F 43 -1.91 65.01 30.73
CA GLY F 44 1.57 63.62 30.47
CA LEU F 45 2.65 59.95 29.79
CA GLU F 46 1.23 57.58 32.49
CA TRP F 47 2.69 54.10 32.83
CA MET F 48 -0.12 51.66 33.45
CA GLY F 49 1.22 48.23 33.78
CA GLY F 50 3.66 45.67 32.36
CA ILE F 51 3.82 41.99 31.21
CA ILE F 52 6.86 39.84 30.29
CA PRO F 53 5.15 37.18 28.00
CA ILE F 54 7.90 34.66 28.24
CA PHE F 55 7.27 34.14 31.93
CA GLY F 56 3.81 35.77 32.07
CA GLY F 57 4.94 37.85 35.03
CA ALA F 58 3.07 41.14 35.11
CA ASN F 59 2.99 44.04 37.58
CA TYR F 60 0.58 47.02 37.93
CA ALA F 61 0.57 50.47 39.54
CA GLN F 62 -2.14 50.90 42.09
CA LYS F 63 -3.78 53.61 39.93
CA PHE F 64 -5.00 51.12 37.32
CA GLN F 65 -5.54 48.15 39.69
CA GLY F 66 -8.90 46.51 39.11
CA ARG F 67 -9.45 47.92 35.63
CA VAL F 68 -6.68 46.82 33.21
CA THR F 69 -5.94 43.28 32.34
CA ILE F 70 -2.95 42.57 30.10
CA THR F 71 -2.74 39.20 28.34
CA ALA F 72 -0.55 37.72 25.74
CA ASP F 73 -0.92 34.93 23.23
CA ARG F 74 2.31 33.35 22.47
CA SER F 75 1.23 31.14 19.44
CA THR F 76 -0.17 34.14 17.67
CA SER F 77 2.64 36.47 18.84
CA THR F 78 0.15 39.15 19.72
CA VAL F 79 -0.11 40.97 23.14
CA TYR F 80 -3.40 42.39 24.25
CA MET F 81 -4.43 45.14 26.66
CA GLU F 82 -8.02 44.99 27.76
CA LEU F 83 -9.27 48.03 29.58
CA SER F 84 -12.73 48.01 31.25
CA GLY F 85 -14.40 50.48 33.62
CA LEU F 86 -14.64 53.04 30.66
CA ARG F 87 -15.86 56.64 30.88
CA SER F 88 -15.39 59.78 28.75
CA GLU F 89 -12.05 61.00 30.36
CA ASP F 90 -10.50 57.68 29.46
CA THR F 91 -10.18 58.91 25.87
CA ALA F 92 -6.42 58.72 25.30
CA VAL F 93 -3.82 57.20 22.99
CA TYR F 94 -2.76 53.82 24.27
CA TYR F 95 0.77 52.59 23.46
CA CYS F 96 2.54 49.23 23.67
CA ALA F 97 6.24 49.72 24.07
CA ARG F 98 8.78 46.95 24.35
CA ARG F 99 11.69 46.65 26.77
CA PRO F 100 11.78 44.12 29.83
CA GLN F 101 14.65 41.58 29.85
CA SER F 102 16.98 42.62 32.67
CA ILE F 103 17.42 43.84 36.17
CA PHE F 104 18.37 47.33 35.04
CA ASP F 105 16.08 47.32 31.95
CA TRP F 106 13.69 50.20 32.38
CA ASN F 107 14.53 51.53 28.89
CA PHE F 108 12.13 51.54 25.84
CA ASP F 109 13.66 50.71 22.50
CA LEU F 110 10.88 49.12 20.34
CA TRP F 111 7.76 51.28 20.15
CA GLY F 112 4.11 51.01 19.04
CA ARG F 113 2.55 53.53 16.77
CA GLY F 114 -0.18 54.60 19.07
CA THR F 115 -3.91 53.49 19.26
CA LEU F 116 -6.47 56.13 20.00
CA VAL F 117 -9.36 54.85 22.10
CA THR F 118 -12.13 57.44 22.03
CA VAL F 119 -14.51 56.91 24.83
CA SER F 120 -17.67 58.91 24.37
CA SER F 121 -21.13 58.64 23.05
CA ALA F 122 -21.64 62.04 21.49
CA SER G 2 7.42 59.81 44.17
CA VAL G 3 6.84 62.98 42.08
CA LEU G 4 8.71 63.97 38.94
CA THR G 5 7.83 67.50 38.12
CA GLN G 6 9.68 69.30 35.22
CA PRO G 7 9.39 72.92 34.42
CA PRO G 8 6.09 73.35 32.20
CA SER G 9 7.98 75.27 29.53
CA ALA G 10 11.39 76.03 28.06
CA SER G 11 12.45 78.30 25.10
CA GLY G 12 15.39 78.79 22.84
CA THR G 13 16.36 80.34 19.50
CA PRO G 14 18.22 78.80 16.59
CA GLY G 15 21.79 77.64 16.74
CA GLN G 16 22.00 77.88 20.54
CA ARG G 17 22.10 74.94 23.12
CA VAL G 18 19.37 74.34 25.64
CA THR G 19 19.28 72.29 28.85
CA ILE G 20 16.02 70.67 29.68
CA SER G 21 16.07 69.63 33.32
CA CYS G 22 14.52 66.82 35.29
CA SER G 23 14.00 67.25 38.99
CA GLY G 24 12.19 64.82 41.26
CA SER G 25 12.85 63.06 44.48
CA SER G 26 15.51 60.92 46.19
CA SER G 27 14.18 57.44 45.69
CA ASN G 28 14.45 57.50 41.98
CA VAL G 29 16.71 60.39 40.94
CA GLY G 30 20.42 60.00 41.43
CA SER G 31 19.65 56.39 42.25
CA ASN G 32 18.07 55.12 39.15
CA TYR G 33 18.90 55.27 35.53
CA VAL G 34 17.18 58.19 33.88
CA TYR G 35 15.86 57.98 30.26
CA TRP G 36 14.96 60.92 28.12
CA TYR G 37 12.41 60.81 25.32
CA GLN G 38 11.29 63.29 22.74
CA GLN G 39 7.69 63.07 21.90
CA LEU G 40 6.78 64.89 18.71
CA PRO G 41 2.90 65.09 18.51
CA GLY G 42 0.89 62.39 16.68
CA THR G 43 3.84 59.99 16.78
CA ALA G 44 5.17 57.64 19.42
CA PRO G 45 8.01 58.85 21.75
CA LYS G 46 11.60 58.36 20.54
CA LEU G 47 14.54 57.55 22.94
CA LEU G 48 17.15 60.36 22.93
CA ILE G 49 19.43 59.39 25.76
CA TYR G 50 19.35 56.09 27.81
CA ARG G 51 21.08 55.15 31.11
CA ASN G 52 22.12 58.50 32.48
CA ASN G 53 24.41 59.78 29.66
CA ARG G 54 24.91 56.85 27.26
CA ARG G 55 23.84 57.63 23.69
CA PRO G 56 21.66 54.97 21.87
CA SER G 57 21.84 54.35 18.16
CA GLY G 58 19.92 56.42 15.63
CA VAL G 59 19.99 59.78 17.71
CA PRO G 60 22.16 62.79 16.53
CA ASP G 61 25.51 63.42 18.36
CA ARG G 62 24.11 66.79 19.46
CA PHE G 63 21.74 65.23 22.11
CA SER G 64 23.72 64.50 25.18
CA GLY G 65 22.73 63.62 28.65
CA SER G 66 24.15 64.60 32.03
CA LYS G 67 23.48 63.21 35.48
CA SER G 68 24.02 64.59 38.99
CA GLY G 69 23.10 62.80 42.23
CA THR G 70 19.94 64.84 42.67
CA SER G 71 19.04 66.29 39.26
CA ALA G 72 19.26 65.19 35.65
CA SER G 73 19.69 67.11 32.45
CA LEU G 74 19.45 66.62 28.72
CA ALA G 75 21.60 69.11 26.91
CA ILE G 76 20.81 69.70 23.28
CA SER G 77 23.37 71.48 21.06
CA GLY G 78 21.93 73.86 18.50
CA LEU G 79 18.25 74.30 17.70
CA ARG G 80 16.16 73.74 14.67
CA SER G 81 12.45 74.22 14.21
CA GLU G 82 12.15 70.42 14.58
CA ASP G 83 13.25 70.72 18.33
CA GLU G 84 9.81 72.21 19.22
CA ALA G 85 8.37 69.09 20.89
CA ASP G 86 7.48 67.75 24.30
CA TYR G 87 10.59 66.42 26.23
CA TYR G 88 9.93 63.88 28.83
CA CYS G 89 12.25 62.38 31.36
CA ALA G 90 11.32 58.95 32.73
CA THR G 91 12.97 56.96 35.54
CA TRP G 92 12.01 53.85 37.51
CA ASP G 93 10.67 54.19 41.00
CA ASP G 94 12.05 51.15 42.68
CA SER G 95 9.87 51.89 45.79
CA LEU G 96 6.58 51.60 43.93
CA SER G 97 7.75 49.23 41.13
CA GLY G 98 6.60 51.65 38.47
CA LEU G 99 7.99 53.84 35.75
CA VAL G 100 7.22 57.47 36.52
CA PHE G 101 7.15 60.48 33.97
CA GLY G 102 7.48 64.27 34.51
CA GLY G 103 5.07 66.85 33.36
CA GLY G 104 6.88 67.14 30.02
CA THR G 105 8.68 70.20 28.94
CA LYS G 106 7.24 71.95 25.87
CA LEU G 107 10.45 73.32 24.28
CA THR G 108 9.46 76.33 22.18
CA VAL G 109 11.61 77.32 19.17
CA LEU G 110 11.11 81.01 18.77
CA GLY G 111 12.68 83.15 16.02
CA GLN G 112 9.91 85.68 15.27
#